data_6BTH
#
_entry.id   6BTH
#
_cell.length_a   58.138
_cell.length_b   67.328
_cell.length_c   87.319
_cell.angle_alpha   90.00
_cell.angle_beta   90.00
_cell.angle_gamma   90.00
#
_symmetry.space_group_name_H-M   'P 21 21 21'
#
loop_
_entity.id
_entity.type
_entity.pdbx_description
1 polymer 'Retinol-binding protein 2'
2 non-polymer '1,3-dihydroxypropan-2-yl (5Z,8Z,11Z,14Z)-icosa-5,8,11,14-tetraenoate'
3 non-polymer DI(HYDROXYETHYL)ETHER
4 water water
#
_entity_poly.entity_id   1
_entity_poly.type   'polypeptide(L)'
_entity_poly.pdbx_seq_one_letter_code
;MTRDQNGTWEMESNENFEGYMKALDIDFATRKIAVRLTQTKVIDQDGDNFKTKTTSTFRNYDVDFTVGVEFDEYTKSLDN
RHVKALVTWEGDVLVCVQKGEKENRGWKQWIEGDKLYLELTCGDQVCRQVFKKKLVPR
;
_entity_poly.pdbx_strand_id   A,B
#
# COMPACT_ATOMS: atom_id res chain seq x y z
N MET A 1 9.23 30.26 -18.98
CA MET A 1 10.20 29.13 -19.12
C MET A 1 10.67 28.63 -17.76
N THR A 2 9.79 27.90 -17.06
CA THR A 2 10.05 27.42 -15.71
C THR A 2 9.95 25.90 -15.63
N ARG A 3 10.19 25.21 -16.73
CA ARG A 3 10.17 23.75 -16.71
C ARG A 3 11.40 23.14 -16.07
N ASP A 4 12.44 23.92 -15.78
CA ASP A 4 13.67 23.39 -15.22
C ASP A 4 13.50 23.21 -13.71
N GLN A 5 13.32 21.95 -13.30
CA GLN A 5 13.10 21.57 -11.92
C GLN A 5 14.36 21.00 -11.26
N ASN A 6 15.51 21.12 -11.91
CA ASN A 6 16.75 20.60 -11.35
C ASN A 6 17.02 21.18 -9.97
N GLY A 7 17.48 20.32 -9.08
CA GLY A 7 18.01 20.77 -7.81
C GLY A 7 17.72 19.78 -6.70
N THR A 8 18.16 20.17 -5.51
CA THR A 8 17.84 19.50 -4.27
C THR A 8 16.86 20.37 -3.50
N TRP A 9 15.75 19.77 -3.09
CA TRP A 9 14.61 20.50 -2.55
C TRP A 9 14.25 19.92 -1.19
N GLU A 10 14.10 20.79 -0.19
CA GLU A 10 13.83 20.36 1.17
C GLU A 10 12.42 20.75 1.59
N MET A 11 11.67 19.78 2.09
CA MET A 11 10.28 20.01 2.43
C MET A 11 10.14 21.03 3.54
N GLU A 12 9.23 21.98 3.35
CA GLU A 12 8.84 22.92 4.40
C GLU A 12 7.39 22.79 4.85
N SER A 13 6.52 22.15 4.07
CA SER A 13 5.16 21.89 4.53
C SER A 13 4.61 20.66 3.80
N ASN A 14 3.60 20.04 4.41
CA ASN A 14 3.09 18.76 3.96
C ASN A 14 1.66 18.72 4.49
N GLU A 15 0.73 19.21 3.68
CA GLU A 15 -0.66 19.33 4.08
C GLU A 15 -1.44 18.09 3.66
N ASN A 16 -2.11 17.46 4.63
CA ASN A 16 -2.99 16.32 4.39
C ASN A 16 -2.25 15.11 3.84
N PHE A 17 -0.99 14.93 4.22
CA PHE A 17 -0.32 13.67 3.90
C PHE A 17 -1.03 12.51 4.57
N GLU A 18 -1.57 12.74 5.77
CA GLU A 18 -2.35 11.71 6.47
C GLU A 18 -3.51 11.20 5.62
N GLY A 19 -4.30 12.13 5.05
CA GLY A 19 -5.46 11.72 4.27
C GLY A 19 -5.09 11.01 2.98
N TYR A 20 -4.04 11.50 2.32
CA TYR A 20 -3.55 10.85 1.11
C TYR A 20 -3.09 9.43 1.42
N MET A 21 -2.33 9.25 2.51
CA MET A 21 -1.86 7.90 2.86
C MET A 21 -3.03 7.00 3.21
N LYS A 22 -4.02 7.54 3.93
CA LYS A 22 -5.16 6.72 4.29
C LYS A 22 -5.94 6.29 3.05
N ALA A 23 -6.05 7.17 2.05
CA ALA A 23 -6.69 6.82 0.79
C ALA A 23 -5.95 5.71 0.04
N LEU A 24 -4.63 5.61 0.24
CA LEU A 24 -3.81 4.54 -0.32
C LEU A 24 -3.79 3.27 0.54
N ASP A 25 -4.55 3.26 1.64
CA ASP A 25 -4.66 2.09 2.52
C ASP A 25 -3.38 1.81 3.30
N ILE A 26 -2.55 2.82 3.54
CA ILE A 26 -1.38 2.64 4.38
C ILE A 26 -1.83 2.42 5.81
N ASP A 27 -1.30 1.39 6.46
CA ASP A 27 -1.69 1.07 7.82
C ASP A 27 -1.25 2.17 8.80
N PHE A 28 -1.98 2.25 9.92
CA PHE A 28 -1.79 3.39 10.83
CA PHE A 28 -1.83 3.32 10.92
C PHE A 28 -0.40 3.42 11.45
N ALA A 29 0.23 2.26 11.70
CA ALA A 29 1.57 2.28 12.28
C ALA A 29 2.55 2.92 11.30
N THR A 30 2.43 2.59 10.02
CA THR A 30 3.28 3.20 9.00
C THR A 30 2.97 4.69 8.87
N ARG A 31 1.68 5.06 8.85
CA ARG A 31 1.35 6.49 8.74
C ARG A 31 1.90 7.28 9.91
N LYS A 32 1.89 6.69 11.12
CA LYS A 32 2.31 7.43 12.30
C LYS A 32 3.75 7.88 12.19
N ILE A 33 4.61 7.06 11.59
CA ILE A 33 5.98 7.45 11.34
C ILE A 33 6.05 8.40 10.15
N ALA A 34 5.39 8.02 9.05
CA ALA A 34 5.62 8.72 7.79
C ALA A 34 5.13 10.16 7.85
N VAL A 35 4.05 10.42 8.59
CA VAL A 35 3.47 11.75 8.61
C VAL A 35 4.41 12.78 9.22
N ARG A 36 5.37 12.36 10.03
CA ARG A 36 6.21 13.27 10.78
C ARG A 36 7.48 13.71 10.05
N LEU A 37 7.75 13.13 8.90
CA LEU A 37 9.08 13.23 8.31
C LEU A 37 9.20 14.40 7.36
N THR A 38 10.37 15.03 7.41
CA THR A 38 10.77 15.98 6.38
C THR A 38 11.38 15.22 5.21
N GLN A 39 10.81 15.40 4.03
CA GLN A 39 11.31 14.75 2.84
C GLN A 39 12.27 15.66 2.09
N THR A 40 13.22 15.05 1.38
CA THR A 40 14.11 15.75 0.46
C THR A 40 13.90 15.18 -0.92
N LYS A 41 13.93 16.04 -1.93
CA LYS A 41 13.70 15.59 -3.30
C LYS A 41 14.86 16.07 -4.14
N VAL A 42 15.53 15.16 -4.83
CA VAL A 42 16.62 15.47 -5.73
C VAL A 42 16.13 15.18 -7.13
N ILE A 43 16.16 16.19 -7.99
CA ILE A 43 15.70 16.09 -9.36
C ILE A 43 16.91 16.34 -10.26
N ASP A 44 17.22 15.35 -11.09
CA ASP A 44 18.25 15.43 -12.13
C ASP A 44 17.50 15.37 -13.45
N GLN A 45 17.40 16.52 -14.13
CA GLN A 45 16.57 16.67 -15.31
C GLN A 45 17.41 17.12 -16.48
N ASP A 46 17.25 16.42 -17.61
CA ASP A 46 17.88 16.78 -18.88
C ASP A 46 16.77 16.86 -19.90
N GLY A 47 16.27 18.07 -20.16
CA GLY A 47 15.14 18.24 -21.06
C GLY A 47 13.89 17.58 -20.50
N ASP A 48 13.36 16.58 -21.20
CA ASP A 48 12.20 15.83 -20.76
C ASP A 48 12.57 14.56 -20.02
N ASN A 49 13.87 14.32 -19.79
CA ASN A 49 14.31 13.12 -19.08
C ASN A 49 14.54 13.47 -17.62
N PHE A 50 13.83 12.79 -16.73
CA PHE A 50 13.90 13.02 -15.29
C PHE A 50 14.42 11.80 -14.57
N LYS A 51 15.32 12.03 -13.61
CA LYS A 51 15.69 11.05 -12.61
C LYS A 51 15.44 11.69 -11.26
N THR A 52 14.54 11.11 -10.48
CA THR A 52 14.14 11.73 -9.21
C THR A 52 14.35 10.77 -8.06
N LYS A 53 14.81 11.33 -6.94
CA LYS A 53 15.00 10.59 -5.71
C LYS A 53 14.37 11.38 -4.58
N THR A 54 13.43 10.75 -3.87
CA THR A 54 12.78 11.35 -2.72
C THR A 54 13.21 10.56 -1.50
N THR A 55 13.76 11.25 -0.51
CA THR A 55 14.40 10.57 0.60
C THR A 55 13.86 11.06 1.94
N SER A 56 13.95 10.17 2.92
CA SER A 56 13.61 10.45 4.30
C SER A 56 14.36 9.44 5.15
N THR A 57 14.32 9.64 6.46
CA THR A 57 14.96 8.71 7.37
C THR A 57 14.27 7.35 7.42
N PHE A 58 13.05 7.24 6.93
CA PHE A 58 12.23 6.04 7.07
C PHE A 58 12.14 5.24 5.77
N ARG A 59 11.92 5.91 4.64
CA ARG A 59 11.82 5.26 3.35
C ARG A 59 12.37 6.21 2.29
N ASN A 60 12.85 5.64 1.20
CA ASN A 60 13.27 6.39 0.03
C ASN A 60 12.50 5.86 -1.18
N TYR A 61 12.34 6.72 -2.18
CA TYR A 61 11.62 6.34 -3.39
C TYR A 61 12.22 7.03 -4.61
N ASP A 62 12.64 6.21 -5.58
CA ASP A 62 13.23 6.69 -6.82
C ASP A 62 12.26 6.42 -7.96
N VAL A 63 12.15 7.39 -8.86
CA VAL A 63 11.37 7.19 -10.08
C VAL A 63 12.00 8.00 -11.20
N ASP A 64 12.23 7.34 -12.33
CA ASP A 64 12.80 7.94 -13.53
C ASP A 64 11.78 7.83 -14.65
N PHE A 65 11.70 8.88 -15.48
CA PHE A 65 10.73 8.89 -16.56
C PHE A 65 11.15 9.92 -17.60
N THR A 66 10.56 9.76 -18.79
CA THR A 66 10.62 10.75 -19.85
C THR A 66 9.21 11.31 -20.03
N VAL A 67 9.10 12.62 -20.03
CA VAL A 67 7.80 13.23 -20.24
C VAL A 67 7.23 12.75 -21.57
N GLY A 68 5.99 12.29 -21.54
CA GLY A 68 5.30 11.84 -22.74
C GLY A 68 5.37 10.36 -23.00
N VAL A 69 6.10 9.60 -22.17
CA VAL A 69 6.36 8.19 -22.40
C VAL A 69 5.76 7.39 -21.24
N GLU A 70 4.68 6.66 -21.50
CA GLU A 70 4.07 5.88 -20.45
C GLU A 70 5.04 4.82 -19.94
N PHE A 71 5.00 4.57 -18.63
CA PHE A 71 5.89 3.61 -18.01
C PHE A 71 5.16 2.81 -16.93
N ASP A 72 5.74 1.66 -16.60
CA ASP A 72 5.27 0.85 -15.49
C ASP A 72 5.92 1.37 -14.22
N GLU A 73 5.10 1.75 -13.24
CA GLU A 73 5.58 2.23 -11.97
C GLU A 73 5.12 1.29 -10.87
N TYR A 74 6.07 0.81 -10.08
CA TYR A 74 5.84 0.02 -8.89
C TYR A 74 6.24 0.87 -7.69
N THR A 75 5.28 1.22 -6.85
CA THR A 75 5.51 2.16 -5.76
C THR A 75 6.13 1.46 -4.54
N LYS A 76 7.31 0.89 -4.79
CA LYS A 76 8.02 0.07 -3.82
C LYS A 76 8.30 0.84 -2.55
N SER A 77 7.92 0.23 -1.42
N SER A 77 7.93 0.23 -1.42
CA SER A 77 8.12 0.74 -0.06
CA SER A 77 8.11 0.74 -0.06
C SER A 77 7.14 1.86 0.28
C SER A 77 7.18 1.90 0.27
N LEU A 78 6.24 2.22 -0.62
CA LEU A 78 5.20 3.18 -0.34
C LEU A 78 3.92 2.38 -0.12
N ASP A 79 2.99 2.38 -1.07
CA ASP A 79 1.84 1.47 -1.02
C ASP A 79 2.05 0.17 -1.81
N ASN A 80 3.18 0.03 -2.49
CA ASN A 80 3.53 -1.23 -3.15
C ASN A 80 2.48 -1.66 -4.17
N ARG A 81 2.05 -0.71 -5.01
CA ARG A 81 1.12 -1.01 -6.10
C ARG A 81 1.80 -0.84 -7.45
N HIS A 82 1.22 -1.51 -8.45
CA HIS A 82 1.61 -1.36 -9.83
C HIS A 82 0.59 -0.48 -10.55
N VAL A 83 1.09 0.54 -11.24
CA VAL A 83 0.27 1.44 -12.03
C VAL A 83 0.95 1.66 -13.38
N LYS A 84 0.16 2.12 -14.34
CA LYS A 84 0.68 2.69 -15.57
C LYS A 84 0.73 4.19 -15.35
N ALA A 85 1.92 4.76 -15.46
CA ALA A 85 2.14 6.17 -15.20
C ALA A 85 2.46 6.91 -16.50
N LEU A 86 1.90 8.09 -16.64
CA LEU A 86 2.24 8.97 -17.76
C LEU A 86 2.44 10.37 -17.20
N VAL A 87 3.59 10.95 -17.49
CA VAL A 87 3.88 12.34 -17.13
C VAL A 87 3.78 13.18 -18.39
N THR A 88 3.10 14.31 -18.29
CA THR A 88 2.96 15.26 -19.39
C THR A 88 3.23 16.65 -18.86
N TRP A 89 3.44 17.59 -19.77
CA TRP A 89 3.48 19.01 -19.41
C TRP A 89 2.11 19.61 -19.66
N GLU A 90 1.60 20.34 -18.68
CA GLU A 90 0.48 21.25 -18.88
C GLU A 90 1.04 22.63 -18.58
N GLY A 91 1.36 23.36 -19.64
CA GLY A 91 2.16 24.54 -19.47
C GLY A 91 3.50 24.16 -18.88
N ASP A 92 3.84 24.76 -17.75
CA ASP A 92 5.07 24.42 -17.05
C ASP A 92 4.80 23.58 -15.81
N VAL A 93 3.62 22.98 -15.70
CA VAL A 93 3.28 22.06 -14.62
C VAL A 93 3.49 20.64 -15.13
N LEU A 94 4.24 19.87 -14.35
CA LEU A 94 4.48 18.47 -14.65
C LEU A 94 3.32 17.68 -14.05
N VAL A 95 2.59 16.93 -14.88
CA VAL A 95 1.37 16.27 -14.47
C VAL A 95 1.56 14.78 -14.69
N CYS A 96 1.30 14.01 -13.64
CA CYS A 96 1.38 12.56 -13.72
C CYS A 96 0.02 11.94 -13.42
N VAL A 97 -0.44 11.06 -14.31
CA VAL A 97 -1.60 10.20 -14.07
C VAL A 97 -1.09 8.79 -13.81
N GLN A 98 -1.51 8.21 -12.70
CA GLN A 98 -1.13 6.86 -12.27
C GLN A 98 -2.37 5.97 -12.38
N LYS A 99 -2.54 5.32 -13.53
CA LYS A 99 -3.73 4.54 -13.77
C LYS A 99 -3.58 3.14 -13.16
N GLY A 100 -4.55 2.76 -12.34
CA GLY A 100 -4.49 1.50 -11.65
C GLY A 100 -5.75 1.30 -10.83
N GLU A 101 -5.60 0.65 -9.69
CA GLU A 101 -6.76 0.28 -8.91
C GLU A 101 -7.37 1.44 -8.15
N LYS A 102 -6.62 2.48 -7.84
CA LYS A 102 -7.16 3.65 -7.17
C LYS A 102 -7.60 4.68 -8.20
N GLU A 103 -8.82 5.19 -8.05
CA GLU A 103 -9.31 6.23 -8.93
C GLU A 103 -8.65 7.58 -8.60
N ASN A 104 -8.49 8.38 -9.63
CA ASN A 104 -8.07 9.76 -9.48
C ASN A 104 -6.72 9.85 -8.77
N ARG A 105 -5.80 8.97 -9.17
CA ARG A 105 -4.47 8.92 -8.57
C ARG A 105 -3.47 9.59 -9.50
N GLY A 106 -2.71 10.52 -8.96
CA GLY A 106 -1.65 11.14 -9.73
C GLY A 106 -1.00 12.24 -8.92
N TRP A 107 -0.24 13.07 -9.62
CA TRP A 107 0.41 14.19 -8.95
C TRP A 107 0.70 15.29 -9.95
N LYS A 108 0.95 16.50 -9.41
CA LYS A 108 1.33 17.65 -10.21
C LYS A 108 2.45 18.38 -9.50
N GLN A 109 3.46 18.79 -10.25
CA GLN A 109 4.66 19.37 -9.68
C GLN A 109 5.11 20.56 -10.50
N TRP A 110 5.39 21.68 -9.83
CA TRP A 110 5.78 22.88 -10.56
C TRP A 110 6.61 23.79 -9.66
N ILE A 111 7.32 24.72 -10.31
CA ILE A 111 8.21 25.68 -9.66
C ILE A 111 7.55 27.05 -9.59
N GLU A 112 7.72 27.74 -8.45
N GLU A 112 7.70 27.74 -8.45
CA GLU A 112 7.42 29.16 -8.32
CA GLU A 112 7.46 29.18 -8.40
C GLU A 112 8.47 29.79 -7.41
C GLU A 112 8.46 29.80 -7.43
N GLY A 113 9.23 30.76 -7.93
CA GLY A 113 10.25 31.36 -7.11
C GLY A 113 11.32 30.33 -6.81
N ASP A 114 11.68 30.22 -5.53
CA ASP A 114 12.63 29.21 -5.10
C ASP A 114 11.91 28.07 -4.41
N LYS A 115 10.66 27.84 -4.78
CA LYS A 115 9.88 26.77 -4.19
C LYS A 115 9.39 25.80 -5.24
N LEU A 116 9.40 24.54 -4.86
N LEU A 116 9.34 24.54 -4.84
CA LEU A 116 8.80 23.47 -5.64
CA LEU A 116 8.80 23.45 -5.65
C LEU A 116 7.50 23.09 -4.94
C LEU A 116 7.54 22.95 -4.97
N TYR A 117 6.43 22.99 -5.71
CA TYR A 117 5.12 22.56 -5.22
C TYR A 117 4.82 21.20 -5.79
N LEU A 118 4.31 20.31 -4.93
CA LEU A 118 3.89 18.98 -5.33
C LEU A 118 2.53 18.69 -4.72
N GLU A 119 1.53 18.47 -5.57
N GLU A 119 1.55 18.42 -5.58
CA GLU A 119 0.21 18.08 -5.10
CA GLU A 119 0.19 18.09 -5.18
C GLU A 119 -0.03 16.64 -5.51
C GLU A 119 -0.03 16.62 -5.55
N LEU A 120 -0.28 15.78 -4.54
CA LEU A 120 -0.52 14.36 -4.74
C LEU A 120 -1.99 14.08 -4.49
N THR A 121 -2.62 13.37 -5.43
N THR A 121 -2.63 13.36 -5.41
CA THR A 121 -4.05 13.06 -5.32
CA THR A 121 -4.05 13.09 -5.30
C THR A 121 -4.26 11.56 -5.29
C THR A 121 -4.32 11.58 -5.33
N CYS A 122 -5.25 11.15 -4.49
CA CYS A 122 -5.78 9.78 -4.54
C CYS A 122 -7.24 9.87 -4.13
N GLY A 123 -8.12 9.50 -5.04
CA GLY A 123 -9.54 9.58 -4.73
C GLY A 123 -9.92 11.02 -4.43
N ASP A 124 -10.58 11.23 -3.29
CA ASP A 124 -10.99 12.56 -2.89
C ASP A 124 -10.00 13.25 -1.96
N GLN A 125 -8.78 12.76 -1.88
CA GLN A 125 -7.76 13.32 -0.99
C GLN A 125 -6.65 13.96 -1.79
N VAL A 126 -6.31 15.20 -1.42
CA VAL A 126 -5.18 15.92 -2.01
C VAL A 126 -4.21 16.25 -0.90
N CYS A 127 -2.93 15.95 -1.14
CA CYS A 127 -1.84 16.32 -0.26
C CYS A 127 -1.05 17.41 -0.97
N ARG A 128 -0.76 18.51 -0.28
CA ARG A 128 -0.04 19.62 -0.87
C ARG A 128 1.28 19.78 -0.14
N GLN A 129 2.38 19.62 -0.87
CA GLN A 129 3.71 19.74 -0.32
C GLN A 129 4.42 20.93 -0.94
N VAL A 130 5.23 21.60 -0.13
CA VAL A 130 6.06 22.70 -0.60
C VAL A 130 7.49 22.42 -0.18
N PHE A 131 8.43 22.61 -1.11
CA PHE A 131 9.84 22.42 -0.86
C PHE A 131 10.60 23.70 -1.19
N LYS A 132 11.65 23.97 -0.42
CA LYS A 132 12.53 25.11 -0.67
C LYS A 132 13.84 24.60 -1.24
N LYS A 133 14.36 25.30 -2.23
CA LYS A 133 15.59 24.87 -2.87
C LYS A 133 16.75 24.97 -1.89
N LYS A 134 17.54 23.90 -1.81
CA LYS A 134 18.79 23.95 -1.08
C LYS A 134 19.88 24.66 -1.89
N LEU A 135 20.73 25.39 -1.17
CA LEU A 135 21.80 26.14 -1.79
C LEU A 135 22.97 25.21 -2.14
N MET B 1 -9.83 2.74 15.88
CA MET B 1 -8.88 1.60 15.94
C MET B 1 -9.05 0.83 17.25
N THR B 2 -8.89 -0.48 17.18
CA THR B 2 -8.99 -1.35 18.34
C THR B 2 -8.26 -2.64 18.02
N ARG B 3 -7.75 -3.29 19.07
CA ARG B 3 -7.17 -4.63 18.91
C ARG B 3 -8.20 -5.73 18.91
N ASP B 4 -9.46 -5.44 19.22
CA ASP B 4 -10.50 -6.46 19.33
C ASP B 4 -11.01 -6.76 17.93
N GLN B 5 -10.58 -7.90 17.38
CA GLN B 5 -11.01 -8.33 16.05
C GLN B 5 -12.10 -9.40 16.10
N ASN B 6 -12.69 -9.63 17.27
CA ASN B 6 -13.72 -10.65 17.38
C ASN B 6 -14.89 -10.35 16.46
N GLY B 7 -15.39 -11.39 15.81
CA GLY B 7 -16.62 -11.25 15.07
C GLY B 7 -16.64 -12.10 13.82
N THR B 8 -17.74 -11.96 13.10
CA THR B 8 -17.93 -12.52 11.78
C THR B 8 -17.90 -11.35 10.81
N TRP B 9 -17.03 -11.46 9.79
CA TRP B 9 -16.74 -10.34 8.91
C TRP B 9 -16.93 -10.82 7.48
N GLU B 10 -17.68 -10.07 6.69
CA GLU B 10 -18.03 -10.46 5.33
C GLU B 10 -17.40 -9.53 4.31
N MET B 11 -16.75 -10.13 3.32
CA MET B 11 -15.99 -9.35 2.34
C MET B 11 -16.88 -8.40 1.56
N GLU B 12 -16.42 -7.15 1.44
CA GLU B 12 -17.07 -6.21 0.53
C GLU B 12 -16.20 -5.75 -0.61
N SER B 13 -14.88 -5.90 -0.54
CA SER B 13 -14.03 -5.59 -1.68
C SER B 13 -12.75 -6.40 -1.60
N ASN B 14 -12.12 -6.54 -2.77
CA ASN B 14 -11.00 -7.47 -2.94
C ASN B 14 -10.17 -6.94 -4.12
N GLU B 15 -9.12 -6.19 -3.81
CA GLU B 15 -8.28 -5.55 -4.81
C GLU B 15 -7.02 -6.38 -5.03
N ASN B 16 -6.76 -6.73 -6.28
CA ASN B 16 -5.53 -7.43 -6.69
C ASN B 16 -5.36 -8.78 -6.01
N PHE B 17 -6.46 -9.46 -5.73
CA PHE B 17 -6.35 -10.84 -5.27
C PHE B 17 -5.73 -11.70 -6.34
N GLU B 18 -5.98 -11.39 -7.62
CA GLU B 18 -5.37 -12.21 -8.68
C GLU B 18 -3.86 -12.05 -8.72
N GLY B 19 -3.34 -10.85 -8.46
CA GLY B 19 -1.90 -10.68 -8.44
C GLY B 19 -1.25 -11.40 -7.27
N TYR B 20 -1.88 -11.32 -6.10
CA TYR B 20 -1.37 -12.06 -4.94
C TYR B 20 -1.38 -13.56 -5.19
N MET B 21 -2.48 -14.08 -5.77
CA MET B 21 -2.55 -15.51 -6.07
C MET B 21 -1.51 -15.90 -7.11
N LYS B 22 -1.32 -15.08 -8.14
CA LYS B 22 -0.34 -15.41 -9.17
C LYS B 22 1.06 -15.45 -8.59
N ALA B 23 1.35 -14.53 -7.65
CA ALA B 23 2.64 -14.52 -6.98
C ALA B 23 2.88 -15.78 -6.18
N LEU B 24 1.80 -16.40 -5.69
CA LEU B 24 1.88 -17.68 -4.98
C LEU B 24 1.86 -18.87 -5.92
N ASP B 25 1.80 -18.65 -7.23
CA ASP B 25 1.79 -19.69 -8.25
C ASP B 25 0.48 -20.47 -8.26
N ILE B 26 -0.60 -19.85 -7.81
CA ILE B 26 -1.91 -20.46 -7.97
C ILE B 26 -2.24 -20.51 -9.45
N ASP B 27 -2.70 -21.66 -9.93
CA ASP B 27 -2.91 -21.79 -11.35
C ASP B 27 -4.09 -20.99 -11.86
N PHE B 28 -4.10 -20.78 -13.17
CA PHE B 28 -5.09 -19.90 -13.80
C PHE B 28 -6.51 -20.37 -13.52
N ALA B 29 -6.77 -21.67 -13.68
CA ALA B 29 -8.13 -22.16 -13.50
C ALA B 29 -8.65 -21.85 -12.11
N THR B 30 -7.78 -22.00 -11.11
CA THR B 30 -8.17 -21.68 -9.75
C THR B 30 -8.37 -20.18 -9.55
N ARG B 31 -7.46 -19.36 -10.08
CA ARG B 31 -7.60 -17.90 -9.93
C ARG B 31 -8.90 -17.41 -10.56
N LYS B 32 -9.27 -17.99 -11.70
CA LYS B 32 -10.45 -17.52 -12.43
C LYS B 32 -11.70 -17.66 -11.58
N ILE B 33 -11.80 -18.74 -10.82
CA ILE B 33 -12.92 -18.92 -9.89
C ILE B 33 -12.75 -18.05 -8.64
N ALA B 34 -11.56 -18.10 -8.05
CA ALA B 34 -11.34 -17.54 -6.73
C ALA B 34 -11.48 -16.02 -6.70
N VAL B 35 -11.15 -15.35 -7.80
CA VAL B 35 -11.19 -13.89 -7.81
C VAL B 35 -12.60 -13.35 -7.59
N ARG B 36 -13.62 -14.15 -7.91
CA ARG B 36 -15.00 -13.67 -7.83
C ARG B 36 -15.68 -13.99 -6.50
N LEU B 37 -15.03 -14.72 -5.59
CA LEU B 37 -15.72 -15.23 -4.41
C LEU B 37 -15.77 -14.18 -3.31
N THR B 38 -16.90 -14.16 -2.61
CA THR B 38 -17.02 -13.41 -1.36
C THR B 38 -16.55 -14.28 -0.20
N GLN B 39 -15.53 -13.83 0.50
CA GLN B 39 -14.99 -14.55 1.65
C GLN B 39 -15.64 -14.06 2.94
N THR B 40 -15.68 -14.94 3.92
CA THR B 40 -16.09 -14.63 5.28
C THR B 40 -14.94 -14.96 6.22
N LYS B 41 -14.75 -14.13 7.22
CA LYS B 41 -13.71 -14.36 8.20
C LYS B 41 -14.35 -14.38 9.56
N VAL B 42 -14.16 -15.47 10.30
CA VAL B 42 -14.67 -15.61 11.66
C VAL B 42 -13.47 -15.63 12.58
N ILE B 43 -13.44 -14.69 13.51
CA ILE B 43 -12.33 -14.53 14.43
C ILE B 43 -12.85 -14.69 15.84
N ASP B 44 -12.27 -15.64 16.57
CA ASP B 44 -12.52 -15.87 17.99
C ASP B 44 -11.22 -15.51 18.68
N GLN B 45 -11.18 -14.38 19.36
CA GLN B 45 -9.97 -13.83 19.93
C GLN B 45 -10.14 -13.67 21.44
N ASP B 46 -9.18 -14.19 22.19
CA ASP B 46 -9.15 -14.06 23.65
C ASP B 46 -7.78 -13.47 23.98
N GLY B 47 -7.73 -12.15 24.12
CA GLY B 47 -6.46 -11.48 24.33
C GLY B 47 -5.55 -11.60 23.13
N ASP B 48 -4.41 -12.25 23.31
CA ASP B 48 -3.48 -12.48 22.22
C ASP B 48 -3.64 -13.86 21.56
N ASN B 49 -4.65 -14.63 21.96
CA ASN B 49 -4.90 -15.95 21.38
C ASN B 49 -6.00 -15.84 20.35
N PHE B 50 -5.70 -16.23 19.11
CA PHE B 50 -6.63 -16.11 17.99
C PHE B 50 -6.96 -17.49 17.42
N LYS B 51 -8.24 -17.68 17.11
CA LYS B 51 -8.69 -18.80 16.29
C LYS B 51 -9.46 -18.20 15.12
N THR B 52 -8.97 -18.44 13.89
CA THR B 52 -9.55 -17.79 12.73
C THR B 52 -9.96 -18.82 11.68
N LYS B 53 -11.06 -18.54 11.02
CA LYS B 53 -11.57 -19.33 9.91
C LYS B 53 -11.90 -18.39 8.77
N THR B 54 -11.33 -18.66 7.60
CA THR B 54 -11.64 -17.90 6.40
C THR B 54 -12.36 -18.86 5.47
N THR B 55 -13.57 -18.51 5.07
CA THR B 55 -14.45 -19.46 4.39
C THR B 55 -15.00 -18.87 3.10
N SER B 56 -15.37 -19.78 2.21
CA SER B 56 -15.97 -19.43 0.93
C SER B 56 -16.65 -20.66 0.37
N THR B 57 -17.31 -20.50 -0.78
CA THR B 57 -17.93 -21.63 -1.46
C THR B 57 -16.92 -22.62 -2.03
N PHE B 58 -15.65 -22.23 -2.15
CA PHE B 58 -14.66 -22.98 -2.94
C PHE B 58 -13.53 -23.53 -2.09
N ARG B 59 -13.11 -22.81 -1.07
CA ARG B 59 -12.04 -23.19 -0.17
C ARG B 59 -12.34 -22.63 1.21
N ASN B 60 -11.87 -23.35 2.21
CA ASN B 60 -11.90 -22.88 3.59
C ASN B 60 -10.52 -23.05 4.19
N TYR B 61 -10.17 -22.16 5.11
CA TYR B 61 -8.83 -22.19 5.68
C TYR B 61 -8.87 -21.71 7.12
N ASP B 62 -8.39 -22.54 8.03
CA ASP B 62 -8.32 -22.21 9.45
C ASP B 62 -6.88 -21.98 9.85
N VAL B 63 -6.65 -20.96 10.67
CA VAL B 63 -5.33 -20.76 11.26
C VAL B 63 -5.52 -20.19 12.66
N ASP B 64 -4.85 -20.81 13.63
CA ASP B 64 -4.88 -20.42 15.03
C ASP B 64 -3.47 -20.04 15.46
N PHE B 65 -3.36 -19.02 16.31
CA PHE B 65 -2.04 -18.57 16.74
C PHE B 65 -2.16 -17.72 18.01
N THR B 66 -1.02 -17.56 18.67
CA THR B 66 -0.86 -16.62 19.77
C THR B 66 0.13 -15.56 19.33
N VAL B 67 -0.23 -14.29 19.54
CA VAL B 67 0.68 -13.21 19.17
C VAL B 67 2.01 -13.43 19.88
N GLY B 68 3.10 -13.35 19.13
CA GLY B 68 4.43 -13.45 19.67
C GLY B 68 5.02 -14.84 19.67
N VAL B 69 4.27 -15.85 19.26
CA VAL B 69 4.69 -17.25 19.32
C VAL B 69 4.76 -17.76 17.89
N GLU B 70 5.97 -18.01 17.40
CA GLU B 70 6.15 -18.51 16.05
C GLU B 70 5.49 -19.88 15.92
N PHE B 71 4.90 -20.15 14.75
CA PHE B 71 4.23 -21.42 14.53
C PHE B 71 4.43 -21.92 13.09
N ASP B 72 4.25 -23.23 12.92
CA ASP B 72 4.26 -23.83 11.59
C ASP B 72 2.91 -23.64 10.95
N GLU B 73 2.90 -23.06 9.75
CA GLU B 73 1.68 -22.90 8.97
C GLU B 73 1.85 -23.65 7.67
N TYR B 74 0.93 -24.58 7.40
CA TYR B 74 0.85 -25.26 6.13
C TYR B 74 -0.42 -24.77 5.47
N THR B 75 -0.29 -24.11 4.34
CA THR B 75 -1.40 -23.42 3.69
C THR B 75 -2.25 -24.40 2.88
N LYS B 76 -2.81 -25.36 3.61
CA LYS B 76 -3.56 -26.47 3.04
C LYS B 76 -4.72 -25.99 2.18
N SER B 77 -4.78 -26.49 0.93
CA SER B 77 -5.79 -26.22 -0.08
C SER B 77 -5.60 -24.85 -0.73
N LEU B 78 -4.59 -24.08 -0.33
CA LEU B 78 -4.30 -22.78 -0.94
C LEU B 78 -3.11 -23.01 -1.86
N ASP B 79 -1.91 -22.56 -1.48
CA ASP B 79 -0.71 -22.91 -2.23
C ASP B 79 0.02 -24.13 -1.66
N ASN B 80 -0.44 -24.70 -0.55
CA ASN B 80 0.09 -25.97 -0.03
C ASN B 80 1.59 -25.89 0.23
N ARG B 81 2.00 -24.82 0.90
CA ARG B 81 3.39 -24.64 1.30
C ARG B 81 3.48 -24.56 2.82
N HIS B 82 4.64 -24.94 3.34
CA HIS B 82 4.96 -24.72 4.74
C HIS B 82 5.69 -23.39 4.90
N VAL B 83 5.23 -22.57 5.85
CA VAL B 83 5.93 -21.38 6.25
C VAL B 83 6.06 -21.41 7.78
N LYS B 84 7.03 -20.64 8.29
CA LYS B 84 7.13 -20.35 9.71
C LYS B 84 6.55 -18.96 9.89
N ALA B 85 5.43 -18.86 10.60
CA ALA B 85 4.69 -17.62 10.74
C ALA B 85 4.89 -17.03 12.13
N LEU B 86 4.96 -15.72 12.19
CA LEU B 86 5.02 -15.01 13.46
C LEU B 86 4.11 -13.80 13.38
N VAL B 87 3.18 -13.69 14.33
CA VAL B 87 2.25 -12.58 14.40
C VAL B 87 2.65 -11.67 15.55
N THR B 88 2.64 -10.36 15.30
CA THR B 88 2.98 -9.34 16.29
C THR B 88 1.96 -8.22 16.19
N TRP B 89 1.92 -7.36 17.22
CA TRP B 89 1.18 -6.11 17.17
C TRP B 89 2.12 -4.95 16.85
N GLU B 90 1.71 -4.10 15.92
CA GLU B 90 2.33 -2.78 15.74
C GLU B 90 1.22 -1.77 16.01
N GLY B 91 1.19 -1.23 17.23
CA GLY B 91 0.02 -0.49 17.64
C GLY B 91 -1.19 -1.41 17.64
N ASP B 92 -2.24 -1.03 16.90
CA ASP B 92 -3.42 -1.86 16.77
C ASP B 92 -3.46 -2.60 15.44
N VAL B 93 -2.32 -2.69 14.75
CA VAL B 93 -2.21 -3.45 13.50
C VAL B 93 -1.65 -4.83 13.82
N LEU B 94 -2.35 -5.86 13.39
CA LEU B 94 -1.89 -7.23 13.55
C LEU B 94 -1.02 -7.58 12.34
N VAL B 95 0.24 -7.94 12.59
CA VAL B 95 1.24 -8.10 11.53
C VAL B 95 1.75 -9.54 11.54
N CYS B 96 1.74 -10.18 10.38
CA CYS B 96 2.25 -11.54 10.23
C CYS B 96 3.34 -11.58 9.19
N VAL B 97 4.47 -12.18 9.56
CA VAL B 97 5.53 -12.51 8.60
C VAL B 97 5.53 -14.01 8.42
N GLN B 98 5.49 -14.46 7.16
CA GLN B 98 5.46 -15.88 6.81
C GLN B 98 6.78 -16.23 6.13
N LYS B 99 7.73 -16.73 6.91
CA LYS B 99 9.06 -17.04 6.39
C LYS B 99 9.04 -18.37 5.66
N GLY B 100 9.53 -18.38 4.44
CA GLY B 100 9.54 -19.58 3.64
C GLY B 100 10.11 -19.35 2.26
N GLU B 101 9.59 -20.08 1.28
CA GLU B 101 10.18 -20.05 -0.05
C GLU B 101 9.93 -18.73 -0.75
N LYS B 102 8.81 -18.07 -0.49
CA LYS B 102 8.51 -16.79 -1.12
C LYS B 102 9.07 -15.65 -0.30
N GLU B 103 9.83 -14.78 -0.93
N GLU B 103 9.82 -14.78 -0.95
CA GLU B 103 10.31 -13.59 -0.27
CA GLU B 103 10.32 -13.56 -0.33
C GLU B 103 9.17 -12.61 -0.06
C GLU B 103 9.17 -12.59 -0.08
N ASN B 104 9.25 -11.85 1.02
CA ASN B 104 8.29 -10.80 1.34
C ASN B 104 6.85 -11.32 1.32
N ARG B 105 6.61 -12.37 2.11
CA ARG B 105 5.29 -12.95 2.27
C ARG B 105 4.78 -12.67 3.67
N GLY B 106 3.58 -12.10 3.76
CA GLY B 106 2.95 -11.90 5.05
C GLY B 106 1.62 -11.19 4.88
N TRP B 107 1.11 -10.70 5.98
CA TRP B 107 -0.15 -9.97 5.95
C TRP B 107 -0.23 -9.01 7.13
N LYS B 108 -1.12 -8.04 7.02
CA LYS B 108 -1.43 -7.10 8.08
C LYS B 108 -2.95 -6.94 8.14
N GLN B 109 -3.49 -6.89 9.35
CA GLN B 109 -4.93 -6.87 9.55
C GLN B 109 -5.29 -5.92 10.66
N TRP B 110 -6.31 -5.09 10.44
CA TRP B 110 -6.70 -4.11 11.44
C TRP B 110 -8.17 -3.75 11.32
N ILE B 111 -8.71 -3.21 12.42
CA ILE B 111 -10.11 -2.86 12.56
C ILE B 111 -10.24 -1.35 12.59
N GLU B 112 -11.26 -0.84 11.91
CA GLU B 112 -11.68 0.55 12.11
C GLU B 112 -13.20 0.58 12.00
N GLY B 113 -13.85 1.00 13.07
CA GLY B 113 -15.31 0.97 13.07
C GLY B 113 -15.79 -0.46 12.95
N ASP B 114 -16.74 -0.68 12.05
CA ASP B 114 -17.23 -2.02 11.81
C ASP B 114 -16.62 -2.65 10.55
N LYS B 115 -15.40 -2.25 10.20
CA LYS B 115 -14.69 -2.79 9.04
C LYS B 115 -13.37 -3.40 9.46
N LEU B 116 -13.03 -4.51 8.82
CA LEU B 116 -11.76 -5.18 8.98
C LEU B 116 -11.01 -5.05 7.66
N TYR B 117 -9.76 -4.60 7.74
CA TYR B 117 -8.88 -4.38 6.60
C TYR B 117 -7.80 -5.44 6.63
N LEU B 118 -7.57 -6.09 5.50
CA LEU B 118 -6.55 -7.11 5.40
C LEU B 118 -5.67 -6.83 4.18
N GLU B 119 -4.37 -6.72 4.41
CA GLU B 119 -3.36 -6.44 3.40
C GLU B 119 -2.54 -7.73 3.25
N LEU B 120 -2.67 -8.42 2.12
CA LEU B 120 -1.97 -9.67 1.85
C LEU B 120 -0.83 -9.38 0.89
N THR B 121 0.39 -9.76 1.27
CA THR B 121 1.58 -9.45 0.49
C THR B 121 2.34 -10.72 0.13
N CYS B 122 2.75 -10.82 -1.14
CA CYS B 122 3.68 -11.85 -1.57
C CYS B 122 4.55 -11.25 -2.66
N GLY B 123 5.84 -11.12 -2.39
CA GLY B 123 6.74 -10.54 -3.38
C GLY B 123 6.32 -9.13 -3.74
N ASP B 124 6.18 -8.86 -5.04
CA ASP B 124 5.80 -7.53 -5.50
C ASP B 124 4.31 -7.34 -5.68
N GLN B 125 3.47 -8.23 -5.13
CA GLN B 125 2.03 -8.13 -5.27
C GLN B 125 1.37 -8.00 -3.90
N VAL B 126 0.52 -7.00 -3.76
CA VAL B 126 -0.22 -6.75 -2.54
C VAL B 126 -1.70 -6.73 -2.89
N CYS B 127 -2.49 -7.45 -2.11
CA CYS B 127 -3.93 -7.47 -2.20
C CYS B 127 -4.53 -6.77 -1.00
N ARG B 128 -5.53 -5.92 -1.24
CA ARG B 128 -6.27 -5.22 -0.19
C ARG B 128 -7.69 -5.75 -0.13
N GLN B 129 -8.09 -6.27 1.03
CA GLN B 129 -9.43 -6.76 1.29
C GLN B 129 -10.10 -5.91 2.37
N VAL B 130 -11.40 -5.70 2.22
CA VAL B 130 -12.20 -5.02 3.24
C VAL B 130 -13.39 -5.90 3.55
N PHE B 131 -13.66 -6.08 4.84
CA PHE B 131 -14.77 -6.87 5.33
C PHE B 131 -15.61 -6.01 6.25
N LYS B 132 -16.92 -6.24 6.22
CA LYS B 132 -17.87 -5.57 7.10
C LYS B 132 -18.36 -6.54 8.17
N LYS B 133 -18.41 -6.06 9.41
CA LYS B 133 -18.87 -6.88 10.53
C LYS B 133 -20.34 -7.24 10.36
N LYS B 134 -20.65 -8.53 10.51
CA LYS B 134 -22.01 -9.01 10.43
C LYS B 134 -22.62 -9.09 11.82
N LEU B 135 -23.89 -8.73 11.92
CA LEU B 135 -24.62 -8.85 13.18
C LEU B 135 -25.06 -10.30 13.35
N VAL B 136 -24.48 -10.98 14.33
CA VAL B 136 -24.73 -12.40 14.60
C VAL B 136 -25.02 -12.56 16.09
N PRO B 137 -25.67 -13.67 16.47
CA PRO B 137 -25.96 -13.86 17.90
C PRO B 137 -24.73 -14.08 18.77
#